data_2XFR
#
_entry.id   2XFR
#
_cell.length_a   68.830
_cell.length_b   71.338
_cell.length_c   92.659
_cell.angle_alpha   90.00
_cell.angle_beta   90.00
_cell.angle_gamma   90.00
#
_symmetry.space_group_name_H-M   'P 21 21 21'
#
loop_
_entity.id
_entity.type
_entity.pdbx_description
1 polymer BETA-AMYLASE
2 non-polymer 1,2-ETHANEDIOL
3 water water
#
_entity_poly.entity_id   1
_entity_poly.type   'polypeptide(L)'
_entity_poly.pdbx_seq_one_letter_code
;MEVNVKGNYVQVYVMLPLDAVSVNNRFEKGDELRAQLRKLVEAGVDGVMVDVWWGLVEGKGPKAYDWSAYKQLFELVQKA
GLKLQAIMSFHQCGGNVGDAVNIPIPQWVRDVGTRDPDIFYTDGHGTRNIEYLTLGVDNQPLFHGRSAVQMYADYMTSFR
ENMKEFLDAGVIVDIEVGLGPAGEMRYPSYPQSHGWSFPGIGEFICYDKYLQADFKAAAAAVGHPEWEFPNDVGQYNDTP
ERTQFFRDNGTYLSEKGRFFLAWYSNNLIKHGDRILDEANKVFLGYKVQLAIKISGIHWWYKVPSHAAELTAGYYNLHDR
DGYRTIARMLKRHRASINFTCAEMRDSEQSSQAMSAPEELVQQVLSAGWREGLNVACENALPRYDPTAYNTILRNARPHG
INQSGPPEHKLFGFTYLRLSNQLVEGQNYANFKTFVDRMHANLPRDPYVDPMAPLPRSGPEISIEMILQAAQPKLQPFPF
QEHTDLPVGPTGGMGGQAEGPTCGMGGQVKGPTGGMGGQAEDPTSGIGGELPATM
;
_entity_poly.pdbx_strand_id   A
#
# COMPACT_ATOMS: atom_id res chain seq x y z
N VAL A 3 0.68 11.71 -35.83
CA VAL A 3 0.80 10.59 -34.84
C VAL A 3 1.96 10.84 -33.89
N ASN A 4 1.67 10.69 -32.60
CA ASN A 4 2.63 10.84 -31.53
C ASN A 4 2.03 10.13 -30.31
N VAL A 5 2.57 8.96 -29.99
CA VAL A 5 2.03 8.13 -28.94
C VAL A 5 2.71 8.33 -27.58
N LYS A 6 3.58 9.34 -27.48
CA LYS A 6 4.38 9.53 -26.27
C LYS A 6 3.54 9.57 -24.98
N GLY A 7 2.36 10.21 -25.03
CA GLY A 7 1.52 10.37 -23.83
C GLY A 7 0.95 9.05 -23.25
N ASN A 8 1.12 7.97 -24.01
CA ASN A 8 0.72 6.62 -23.63
C ASN A 8 1.73 5.85 -22.76
N TYR A 9 2.98 6.28 -22.74
CA TYR A 9 4.03 5.57 -22.00
C TYR A 9 3.67 5.42 -20.52
N VAL A 10 3.79 4.22 -19.98
CA VAL A 10 3.61 3.93 -18.57
C VAL A 10 4.95 3.43 -18.01
N GLN A 11 5.45 4.11 -16.98
CA GLN A 11 6.69 3.69 -16.35
C GLN A 11 6.54 2.31 -15.69
N VAL A 12 7.63 1.54 -15.73
CA VAL A 12 7.75 0.25 -15.09
C VAL A 12 8.93 0.31 -14.09
N TYR A 13 8.59 0.03 -12.82
CA TYR A 13 9.55 -0.17 -11.75
C TYR A 13 9.57 -1.63 -11.37
N VAL A 14 10.69 -2.07 -10.78
CA VAL A 14 10.80 -3.42 -10.25
C VAL A 14 11.15 -3.35 -8.77
N MET A 15 10.37 -4.05 -7.94
CA MET A 15 10.65 -4.14 -6.53
C MET A 15 11.89 -4.97 -6.27
N LEU A 16 12.82 -4.47 -5.48
CA LEU A 16 14.02 -5.19 -5.10
C LEU A 16 13.68 -6.35 -4.15
N PRO A 17 14.60 -7.29 -3.99
CA PRO A 17 14.34 -8.37 -2.98
C PRO A 17 14.15 -7.84 -1.56
N LEU A 18 13.40 -8.57 -0.76
CA LEU A 18 13.17 -8.24 0.64
C LEU A 18 14.48 -8.24 1.44
N ASP A 19 15.49 -8.97 0.96
CA ASP A 19 16.86 -8.97 1.59
C ASP A 19 17.88 -8.05 0.86
N ALA A 20 17.42 -7.00 0.18
CA ALA A 20 18.31 -6.04 -0.47
C ALA A 20 19.36 -5.54 0.51
N VAL A 21 18.92 -5.35 1.75
CA VAL A 21 19.76 -5.08 2.92
C VAL A 21 19.65 -6.25 3.91
N SER A 22 20.76 -6.70 4.47
CA SER A 22 20.72 -7.84 5.39
CA SER A 22 20.73 -7.85 5.34
C SER A 22 19.95 -7.51 6.65
N VAL A 23 19.56 -8.56 7.37
CA VAL A 23 18.83 -8.37 8.60
C VAL A 23 19.68 -7.73 9.70
N ASN A 24 20.99 -7.63 9.48
CA ASN A 24 21.90 -6.89 10.36
C ASN A 24 22.23 -5.50 9.83
N ASN A 25 21.43 -4.98 8.91
CA ASN A 25 21.61 -3.62 8.39
C ASN A 25 22.97 -3.42 7.73
N ARG A 26 23.37 -4.38 6.91
CA ARG A 26 24.57 -4.27 6.08
C ARG A 26 24.20 -4.55 4.66
N PHE A 27 24.86 -3.83 3.74
CA PHE A 27 24.63 -4.01 2.32
C PHE A 27 25.68 -5.01 1.81
N GLU A 28 25.26 -6.25 1.61
CA GLU A 28 26.19 -7.32 1.32
C GLU A 28 25.96 -8.03 0.01
N LYS A 29 25.09 -7.52 -0.83
CA LYS A 29 24.75 -8.24 -2.04
C LYS A 29 24.92 -7.29 -3.25
N GLY A 30 25.89 -6.38 -3.15
CA GLY A 30 26.08 -5.40 -4.21
C GLY A 30 26.45 -5.98 -5.57
N ASP A 31 27.31 -6.98 -5.59
CA ASP A 31 27.71 -7.51 -6.88
C ASP A 31 26.58 -8.27 -7.56
N GLU A 32 25.84 -9.04 -6.78
CA GLU A 32 24.71 -9.78 -7.32
C GLU A 32 23.66 -8.79 -7.83
N LEU A 33 23.37 -7.77 -7.03
CA LEU A 33 22.38 -6.78 -7.44
C LEU A 33 22.83 -6.00 -8.68
N ARG A 34 24.10 -5.59 -8.76
CA ARG A 34 24.56 -4.92 -9.95
CA ARG A 34 24.57 -4.90 -9.97
C ARG A 34 24.31 -5.75 -11.20
N ALA A 35 24.59 -7.05 -11.12
CA ALA A 35 24.40 -7.94 -12.25
C ALA A 35 22.92 -8.05 -12.63
N GLN A 36 22.06 -8.15 -11.63
CA GLN A 36 20.61 -8.19 -11.90
C GLN A 36 20.13 -6.88 -12.50
N LEU A 37 20.60 -5.76 -12.00
CA LEU A 37 20.18 -4.46 -12.51
C LEU A 37 20.63 -4.26 -13.94
N ARG A 38 21.76 -4.82 -14.36
CA ARG A 38 22.14 -4.78 -15.78
C ARG A 38 21.05 -5.44 -16.64
N LYS A 39 20.48 -6.55 -16.20
CA LYS A 39 19.38 -7.18 -16.94
C LYS A 39 18.13 -6.27 -16.97
N LEU A 40 17.83 -5.57 -15.88
CA LEU A 40 16.70 -4.66 -15.89
C LEU A 40 16.94 -3.47 -16.84
N VAL A 41 18.17 -2.95 -16.88
CA VAL A 41 18.54 -1.90 -17.81
C VAL A 41 18.47 -2.39 -19.27
N GLU A 42 18.92 -3.62 -19.54
CA GLU A 42 18.81 -4.20 -20.87
C GLU A 42 17.33 -4.24 -21.28
N ALA A 43 16.41 -4.42 -20.33
CA ALA A 43 14.96 -4.48 -20.60
C ALA A 43 14.28 -3.11 -20.67
N GLY A 44 14.98 -2.02 -20.36
CA GLY A 44 14.43 -0.67 -20.43
C GLY A 44 13.65 -0.20 -19.22
N VAL A 45 13.83 -0.86 -18.07
CA VAL A 45 13.08 -0.51 -16.88
C VAL A 45 13.37 0.94 -16.42
N ASP A 46 12.34 1.62 -15.92
CA ASP A 46 12.49 3.02 -15.48
C ASP A 46 13.19 3.14 -14.13
N GLY A 47 12.94 2.22 -13.21
CA GLY A 47 13.52 2.29 -11.90
C GLY A 47 13.21 1.08 -11.03
N VAL A 48 13.61 1.19 -9.77
CA VAL A 48 13.37 0.13 -8.78
C VAL A 48 12.68 0.72 -7.57
N MET A 49 12.13 -0.17 -6.75
CA MET A 49 11.44 0.20 -5.52
CA MET A 49 11.42 0.19 -5.52
CA MET A 49 11.45 0.21 -5.52
C MET A 49 12.00 -0.64 -4.37
N VAL A 50 12.09 -0.05 -3.18
CA VAL A 50 12.65 -0.79 -2.04
C VAL A 50 12.02 -0.38 -0.74
N ASP A 51 11.89 -1.37 0.14
CA ASP A 51 11.51 -1.17 1.52
CA ASP A 51 11.52 -1.14 1.53
C ASP A 51 12.67 -0.54 2.29
N VAL A 52 12.41 0.52 3.06
CA VAL A 52 13.42 1.13 3.90
C VAL A 52 13.01 0.83 5.35
N TRP A 53 13.53 -0.29 5.88
CA TRP A 53 12.97 -0.92 7.08
C TRP A 53 13.30 -0.15 8.36
N TRP A 54 12.25 0.25 9.07
CA TRP A 54 12.38 0.94 10.34
C TRP A 54 13.24 0.14 11.34
N GLY A 55 12.97 -1.17 11.41
CA GLY A 55 13.69 -2.03 12.34
C GLY A 55 15.18 -2.17 12.04
N LEU A 56 15.59 -1.95 10.79
CA LEU A 56 17.01 -1.93 10.47
C LEU A 56 17.62 -0.57 10.87
N VAL A 57 17.00 0.52 10.48
CA VAL A 57 17.63 1.85 10.56
C VAL A 57 17.61 2.44 11.95
N GLU A 58 16.48 2.32 12.68
CA GLU A 58 16.35 2.85 14.03
C GLU A 58 16.36 1.72 15.07
N GLY A 59 17.12 0.66 14.77
CA GLY A 59 17.27 -0.44 15.68
C GLY A 59 17.99 -0.21 17.03
N LYS A 60 18.94 0.72 17.14
CA LYS A 60 19.74 0.82 18.39
C LYS A 60 18.96 1.46 19.53
N GLY A 61 18.20 2.49 19.23
CA GLY A 61 17.54 3.30 20.21
C GLY A 61 16.95 4.52 19.53
N PRO A 62 16.22 5.33 20.28
CA PRO A 62 15.58 6.50 19.72
C PRO A 62 16.55 7.40 19.01
N LYS A 63 16.23 7.70 17.77
CA LYS A 63 16.96 8.65 16.94
CA LYS A 63 16.95 8.68 16.95
C LYS A 63 18.37 8.23 16.59
N ALA A 64 18.72 6.98 16.84
CA ALA A 64 20.05 6.45 16.51
C ALA A 64 20.03 5.86 15.11
N TYR A 65 19.73 6.69 14.12
CA TYR A 65 19.51 6.20 12.77
C TYR A 65 20.82 5.78 12.13
N ASP A 66 20.84 4.59 11.54
CA ASP A 66 22.02 4.08 10.85
C ASP A 66 21.67 3.87 9.39
N TRP A 67 22.01 4.87 8.56
CA TRP A 67 21.67 4.91 7.14
C TRP A 67 22.76 4.32 6.25
N SER A 68 23.83 3.75 6.81
CA SER A 68 25.00 3.29 6.06
CA SER A 68 24.99 3.33 6.05
C SER A 68 24.65 2.38 4.89
N ALA A 69 23.89 1.33 5.19
CA ALA A 69 23.59 0.32 4.17
C ALA A 69 22.69 0.88 3.08
N TYR A 70 21.65 1.64 3.47
CA TYR A 70 20.77 2.20 2.47
C TYR A 70 21.48 3.22 1.59
N LYS A 71 22.42 4.01 2.13
CA LYS A 71 23.15 4.92 1.24
CA LYS A 71 23.14 4.94 1.24
C LYS A 71 23.98 4.16 0.22
N GLN A 72 24.58 3.04 0.62
CA GLN A 72 25.34 2.21 -0.34
CA GLN A 72 25.33 2.22 -0.35
C GLN A 72 24.40 1.65 -1.43
N LEU A 73 23.24 1.14 -1.03
CA LEU A 73 22.28 0.64 -1.98
CA LEU A 73 22.26 0.63 -1.98
C LEU A 73 21.85 1.73 -2.96
N PHE A 74 21.52 2.91 -2.44
CA PHE A 74 21.02 3.99 -3.29
C PHE A 74 22.10 4.46 -4.27
N GLU A 75 23.36 4.50 -3.83
CA GLU A 75 24.45 4.84 -4.72
C GLU A 75 24.55 3.84 -5.87
N LEU A 76 24.38 2.56 -5.57
CA LEU A 76 24.44 1.55 -6.61
CA LEU A 76 24.41 1.52 -6.60
C LEU A 76 23.31 1.77 -7.63
N VAL A 77 22.09 2.05 -7.15
CA VAL A 77 20.97 2.31 -8.04
C VAL A 77 21.23 3.53 -8.93
N GLN A 78 21.74 4.60 -8.32
CA GLN A 78 22.10 5.80 -9.08
C GLN A 78 23.12 5.49 -10.16
N LYS A 79 24.15 4.72 -9.83
CA LYS A 79 25.21 4.36 -10.77
CA LYS A 79 25.21 4.38 -10.77
C LYS A 79 24.76 3.39 -11.85
N ALA A 80 23.56 2.81 -11.71
CA ALA A 80 22.92 1.99 -12.76
C ALA A 80 22.03 2.83 -13.68
N GLY A 81 21.85 4.11 -13.40
CA GLY A 81 21.00 4.95 -14.24
C GLY A 81 19.49 4.80 -13.97
N LEU A 82 19.13 4.20 -12.84
CA LEU A 82 17.74 3.87 -12.52
C LEU A 82 17.18 4.87 -11.51
N LYS A 83 15.88 5.17 -11.66
CA LYS A 83 15.17 5.90 -10.62
CA LYS A 83 15.12 5.88 -10.64
C LYS A 83 14.81 4.95 -9.45
N LEU A 84 14.34 5.57 -8.37
CA LEU A 84 14.16 4.86 -7.11
CA LEU A 84 14.13 4.84 -7.11
C LEU A 84 12.87 5.37 -6.41
N GLN A 85 12.03 4.42 -6.01
CA GLN A 85 10.87 4.67 -5.15
C GLN A 85 11.18 4.04 -3.80
N ALA A 86 11.05 4.83 -2.73
CA ALA A 86 11.42 4.40 -1.39
C ALA A 86 10.17 4.26 -0.52
N ILE A 87 10.03 3.12 0.15
CA ILE A 87 8.93 2.90 1.09
C ILE A 87 9.42 3.18 2.49
N MET A 88 8.69 4.03 3.23
CA MET A 88 8.94 4.25 4.65
C MET A 88 8.26 3.08 5.38
N SER A 89 9.04 2.04 5.67
CA SER A 89 8.48 0.75 6.07
C SER A 89 8.46 0.64 7.59
N PHE A 90 7.38 1.13 8.20
CA PHE A 90 7.19 1.19 9.65
C PHE A 90 6.52 -0.09 10.19
N HIS A 91 6.92 -1.25 9.65
CA HIS A 91 6.24 -2.51 9.92
C HIS A 91 7.26 -3.64 9.86
N GLN A 92 6.83 -4.81 10.34
CA GLN A 92 7.64 -6.01 10.30
C GLN A 92 7.68 -6.59 8.90
N CYS A 93 8.89 -7.02 8.49
CA CYS A 93 9.11 -7.85 7.32
C CYS A 93 9.03 -9.31 7.76
N GLY A 94 8.23 -10.08 7.04
CA GLY A 94 8.14 -11.49 7.33
C GLY A 94 7.44 -11.81 8.62
N GLY A 95 7.89 -12.88 9.24
CA GLY A 95 7.29 -13.38 10.46
C GLY A 95 6.20 -14.41 10.23
N ASN A 96 5.93 -14.79 8.99
CA ASN A 96 4.98 -15.85 8.71
C ASN A 96 5.71 -17.13 8.38
N VAL A 97 4.97 -18.23 8.47
CA VAL A 97 5.58 -19.51 8.23
C VAL A 97 6.13 -19.56 6.81
N GLY A 98 7.41 -19.93 6.70
CA GLY A 98 8.08 -20.03 5.42
C GLY A 98 8.81 -18.78 4.98
N ASP A 99 8.54 -17.63 5.63
CA ASP A 99 9.23 -16.41 5.25
C ASP A 99 10.73 -16.50 5.57
N ALA A 100 11.57 -16.24 4.58
CA ALA A 100 13.02 -16.27 4.76
C ALA A 100 13.61 -15.00 5.39
N VAL A 101 13.03 -13.85 5.13
CA VAL A 101 13.58 -12.57 5.59
C VAL A 101 12.67 -12.03 6.69
N ASN A 102 13.20 -11.92 7.91
CA ASN A 102 12.45 -11.55 9.11
C ASN A 102 13.09 -10.33 9.78
N ILE A 103 12.39 -9.21 9.75
CA ILE A 103 12.89 -7.91 10.26
C ILE A 103 11.77 -7.27 11.07
N PRO A 104 11.76 -7.43 12.37
CA PRO A 104 10.76 -6.81 13.24
CA PRO A 104 10.71 -6.81 13.17
C PRO A 104 10.92 -5.30 13.30
N ILE A 105 9.90 -4.62 13.83
CA ILE A 105 10.05 -3.21 14.22
C ILE A 105 11.08 -3.13 15.36
N PRO A 106 11.58 -1.92 15.69
CA PRO A 106 12.68 -1.84 16.65
C PRO A 106 12.36 -2.49 18.00
N GLN A 107 13.34 -3.19 18.56
CA GLN A 107 13.15 -3.89 19.84
C GLN A 107 12.78 -2.92 20.96
N TRP A 108 13.43 -1.74 21.00
CA TRP A 108 13.14 -0.77 22.03
C TRP A 108 11.71 -0.24 21.96
N VAL A 109 11.11 -0.23 20.76
CA VAL A 109 9.69 0.10 20.62
C VAL A 109 8.82 -1.01 21.22
N ARG A 110 9.13 -2.25 20.84
CA ARG A 110 8.38 -3.41 21.37
C ARG A 110 8.52 -3.52 22.88
N ASP A 111 9.64 -3.09 23.46
CA ASP A 111 9.80 -3.17 24.90
C ASP A 111 8.73 -2.38 25.64
N VAL A 112 8.20 -1.30 25.04
CA VAL A 112 7.12 -0.53 25.65
C VAL A 112 5.88 -1.44 25.85
N GLY A 113 5.71 -2.43 24.97
CA GLY A 113 4.60 -3.37 25.05
C GLY A 113 4.60 -4.32 26.23
N THR A 114 5.72 -4.44 26.93
CA THR A 114 5.77 -5.28 28.14
C THR A 114 4.91 -4.68 29.24
N ARG A 115 4.95 -3.38 29.43
CA ARG A 115 4.04 -2.79 30.40
CA ARG A 115 4.09 -2.73 30.41
CA ARG A 115 4.08 -2.67 30.39
C ARG A 115 2.76 -2.24 29.74
N ASP A 116 2.74 -2.03 28.40
CA ASP A 116 1.56 -1.49 27.71
C ASP A 116 1.30 -2.33 26.46
N PRO A 117 0.67 -3.52 26.62
CA PRO A 117 0.47 -4.40 25.47
C PRO A 117 -0.54 -3.84 24.45
N ASP A 118 -1.25 -2.78 24.84
CA ASP A 118 -2.24 -2.13 23.98
C ASP A 118 -1.64 -1.18 22.95
N ILE A 119 -0.31 -1.15 22.82
CA ILE A 119 0.32 -0.49 21.68
C ILE A 119 0.14 -1.26 20.39
N PHE A 120 -0.36 -2.50 20.45
CA PHE A 120 -0.54 -3.37 19.29
C PHE A 120 -2.02 -3.53 18.97
N TYR A 121 -2.36 -3.56 17.69
CA TYR A 121 -3.70 -3.97 17.28
C TYR A 121 -4.02 -5.33 17.93
N THR A 122 -5.21 -5.43 18.50
CA THR A 122 -5.66 -6.56 19.33
C THR A 122 -7.01 -7.05 18.81
N ASP A 123 -7.20 -8.37 18.72
CA ASP A 123 -8.48 -8.93 18.30
C ASP A 123 -9.40 -9.24 19.48
N GLY A 124 -10.58 -9.78 19.18
CA GLY A 124 -11.60 -9.99 20.19
C GLY A 124 -11.29 -11.09 21.19
N HIS A 125 -10.33 -11.97 20.91
N HIS A 125 -10.32 -11.93 20.82
CA HIS A 125 -9.85 -12.92 21.92
CA HIS A 125 -9.76 -13.00 21.63
C HIS A 125 -8.58 -12.47 22.60
C HIS A 125 -8.68 -12.44 22.61
N GLY A 126 -8.18 -11.22 22.36
CA GLY A 126 -7.04 -10.66 23.05
C GLY A 126 -5.71 -10.84 22.35
N THR A 127 -5.68 -11.48 21.20
CA THR A 127 -4.40 -11.71 20.52
C THR A 127 -3.81 -10.38 20.06
N ARG A 128 -2.54 -10.16 20.38
CA ARG A 128 -1.80 -8.97 19.98
C ARG A 128 -1.08 -9.22 18.66
N ASN A 129 -1.18 -8.30 17.69
CA ASN A 129 -0.43 -8.37 16.45
C ASN A 129 0.80 -7.44 16.59
N ILE A 130 2.01 -8.02 16.52
CA ILE A 130 3.22 -7.27 16.85
C ILE A 130 3.93 -6.66 15.63
N GLU A 131 3.25 -6.59 14.50
CA GLU A 131 3.86 -6.12 13.25
C GLU A 131 3.90 -4.62 13.07
N TYR A 132 3.11 -3.87 13.86
CA TYR A 132 2.83 -2.47 13.60
C TYR A 132 2.20 -1.89 14.86
N LEU A 133 2.32 -0.58 15.07
CA LEU A 133 1.70 0.09 16.23
C LEU A 133 0.27 0.52 15.92
N THR A 134 -0.68 0.20 16.79
CA THR A 134 -2.07 0.62 16.58
C THR A 134 -2.16 2.11 16.27
N LEU A 135 -3.06 2.47 15.34
CA LEU A 135 -3.38 3.88 15.11
C LEU A 135 -3.86 4.55 16.40
N GLY A 136 -4.35 3.76 17.37
CA GLY A 136 -4.74 4.30 18.66
C GLY A 136 -3.62 5.01 19.42
N VAL A 137 -2.35 4.72 19.12
CA VAL A 137 -1.24 5.39 19.79
C VAL A 137 -0.53 6.39 18.88
N ASP A 138 -1.18 6.78 17.77
CA ASP A 138 -0.62 7.79 16.89
C ASP A 138 -0.17 9.04 17.65
N ASN A 139 -1.02 9.51 18.57
CA ASN A 139 -0.79 10.75 19.30
C ASN A 139 -0.60 10.53 20.79
N GLN A 140 -0.22 9.32 21.21
CA GLN A 140 0.02 9.01 22.62
CA GLN A 140 0.03 9.02 22.62
C GLN A 140 1.54 8.99 22.85
N PRO A 141 2.06 9.82 23.77
CA PRO A 141 3.53 9.97 23.95
C PRO A 141 4.13 8.87 24.81
N LEU A 142 4.08 7.64 24.29
CA LEU A 142 4.38 6.44 25.05
C LEU A 142 5.81 5.92 24.86
N PHE A 143 6.54 6.45 23.87
CA PHE A 143 7.78 5.86 23.42
C PHE A 143 8.94 6.78 23.79
N HIS A 144 9.36 6.68 25.05
CA HIS A 144 10.39 7.59 25.61
C HIS A 144 10.07 9.04 25.25
N GLY A 145 8.82 9.44 25.46
CA GLY A 145 8.38 10.77 25.26
C GLY A 145 7.77 11.13 23.92
N ARG A 146 7.97 10.25 22.90
CA ARG A 146 7.44 10.48 21.58
C ARG A 146 6.18 9.65 21.33
N SER A 147 5.29 10.21 20.51
CA SER A 147 4.15 9.46 19.96
C SER A 147 4.58 8.66 18.75
N ALA A 148 3.70 7.77 18.26
CA ALA A 148 4.04 7.02 17.04
C ALA A 148 4.19 7.98 15.85
N VAL A 149 3.27 8.96 15.70
CA VAL A 149 3.37 9.89 14.57
C VAL A 149 4.70 10.69 14.66
N GLN A 150 5.11 11.10 15.87
CA GLN A 150 6.39 11.79 15.99
C GLN A 150 7.55 10.89 15.55
N MET A 151 7.49 9.61 15.93
CA MET A 151 8.55 8.68 15.48
C MET A 151 8.58 8.61 13.95
N TYR A 152 7.41 8.52 13.32
CA TYR A 152 7.34 8.42 11.86
C TYR A 152 7.92 9.69 11.20
N ALA A 153 7.49 10.86 11.71
CA ALA A 153 7.95 12.14 11.19
C ALA A 153 9.48 12.28 11.35
N ASP A 154 9.99 11.91 12.52
CA ASP A 154 11.43 12.05 12.77
C ASP A 154 12.23 11.13 11.84
N TYR A 155 11.72 9.91 11.60
CA TYR A 155 12.38 8.97 10.68
C TYR A 155 12.44 9.54 9.28
N MET A 156 11.30 10.08 8.81
CA MET A 156 11.25 10.68 7.47
C MET A 156 12.18 11.91 7.37
N THR A 157 12.24 12.72 8.43
CA THR A 157 13.15 13.88 8.45
C THR A 157 14.60 13.43 8.29
N SER A 158 15.00 12.41 9.08
CA SER A 158 16.37 11.92 8.99
C SER A 158 16.65 11.33 7.61
N PHE A 159 15.67 10.62 7.02
CA PHE A 159 15.81 10.09 5.69
C PHE A 159 16.04 11.23 4.70
N ARG A 160 15.21 12.29 4.75
CA ARG A 160 15.38 13.41 3.84
C ARG A 160 16.78 14.03 3.96
N GLU A 161 17.22 14.28 5.19
CA GLU A 161 18.52 14.92 5.41
C GLU A 161 19.65 14.05 4.87
N ASN A 162 19.59 12.75 5.15
CA ASN A 162 20.67 11.84 4.75
C ASN A 162 20.66 11.56 3.26
N MET A 163 19.47 11.55 2.65
CA MET A 163 19.31 11.18 1.26
C MET A 163 19.12 12.39 0.34
N LYS A 164 19.42 13.59 0.83
CA LYS A 164 19.21 14.82 0.09
C LYS A 164 19.94 14.78 -1.26
N GLU A 165 21.14 14.24 -1.31
CA GLU A 165 21.86 14.20 -2.60
C GLU A 165 21.10 13.40 -3.64
N PHE A 166 20.48 12.30 -3.23
CA PHE A 166 19.74 11.44 -4.15
C PHE A 166 18.42 12.09 -4.58
N LEU A 167 17.80 12.85 -3.68
CA LEU A 167 16.62 13.65 -4.03
C LEU A 167 17.02 14.71 -5.08
N ASP A 168 18.05 15.48 -4.77
CA ASP A 168 18.45 16.61 -5.63
C ASP A 168 18.90 16.13 -7.02
N ALA A 169 19.50 14.95 -7.10
CA ALA A 169 19.97 14.36 -8.35
C ALA A 169 18.84 13.74 -9.17
N GLY A 170 17.62 13.67 -8.64
CA GLY A 170 16.53 13.07 -9.39
C GLY A 170 16.53 11.55 -9.38
N VAL A 171 17.23 10.95 -8.43
CA VAL A 171 17.23 9.49 -8.25
C VAL A 171 15.94 9.07 -7.53
N ILE A 172 15.72 9.61 -6.33
CA ILE A 172 14.52 9.31 -5.56
C ILE A 172 13.38 10.17 -6.10
N VAL A 173 12.32 9.53 -6.59
CA VAL A 173 11.20 10.19 -7.27
C VAL A 173 9.86 9.96 -6.59
N ASP A 174 9.79 9.06 -5.62
CA ASP A 174 8.54 8.69 -4.96
CA ASP A 174 8.54 8.69 -4.96
C ASP A 174 8.85 8.22 -3.55
N ILE A 175 8.01 8.64 -2.62
CA ILE A 175 8.06 8.20 -1.23
C ILE A 175 6.71 7.58 -0.90
N GLU A 176 6.67 6.28 -0.66
CA GLU A 176 5.46 5.57 -0.25
C GLU A 176 5.48 5.47 1.27
N VAL A 177 4.44 5.96 1.91
CA VAL A 177 4.41 6.01 3.35
C VAL A 177 3.69 4.76 3.89
N GLY A 178 4.41 3.89 4.59
CA GLY A 178 3.77 2.71 5.17
C GLY A 178 2.81 3.13 6.26
N LEU A 179 1.59 2.53 6.26
CA LEU A 179 0.50 2.95 7.15
C LEU A 179 -0.12 1.80 7.94
N GLY A 180 0.52 0.64 7.94
CA GLY A 180 -0.04 -0.50 8.62
C GLY A 180 0.82 -1.72 8.36
N PRO A 181 0.32 -2.90 8.77
CA PRO A 181 0.99 -4.16 8.43
C PRO A 181 1.22 -4.24 6.92
N ALA A 182 2.38 -4.79 6.55
CA ALA A 182 2.77 -4.94 5.15
C ALA A 182 2.90 -3.58 4.46
N GLY A 183 2.98 -2.50 5.24
CA GLY A 183 2.99 -1.13 4.71
C GLY A 183 1.66 -0.64 4.19
N GLU A 184 0.59 -1.40 4.36
CA GLU A 184 -0.71 -1.11 3.78
C GLU A 184 -1.60 -0.38 4.79
N MET A 185 -2.42 0.53 4.28
CA MET A 185 -3.35 1.27 5.16
CA MET A 185 -3.38 1.29 5.10
C MET A 185 -4.57 0.36 5.43
N ARG A 186 -4.43 -0.48 6.44
CA ARG A 186 -5.44 -1.50 6.80
C ARG A 186 -5.16 -1.96 8.22
N TYR A 187 -6.13 -2.71 8.76
CA TYR A 187 -5.95 -3.48 9.98
C TYR A 187 -5.39 -4.88 9.63
N PRO A 188 -4.77 -5.56 10.61
CA PRO A 188 -4.23 -6.92 10.39
C PRO A 188 -5.34 -7.98 10.54
N SER A 189 -6.34 -7.90 9.66
CA SER A 189 -7.57 -8.69 9.78
C SER A 189 -7.46 -10.11 9.27
N TYR A 190 -6.36 -10.44 8.56
CA TYR A 190 -6.17 -11.74 7.94
C TYR A 190 -4.77 -12.28 8.29
N PRO A 191 -4.55 -12.65 9.55
CA PRO A 191 -3.23 -13.10 10.06
C PRO A 191 -2.89 -14.54 9.67
N GLN A 192 -2.27 -14.68 8.51
CA GLN A 192 -1.87 -15.96 8.00
CA GLN A 192 -2.02 -16.01 7.90
C GLN A 192 -0.81 -16.41 9.02
C GLN A 192 -1.29 -17.08 8.77
N SER A 193 -0.93 -17.65 9.47
N SER A 193 -0.44 -16.64 9.68
CA SER A 193 -0.02 -18.23 10.49
CA SER A 193 0.38 -17.58 10.42
C SER A 193 -0.46 -18.11 11.96
C SER A 193 -0.18 -17.65 11.80
N HIS A 194 -1.47 -17.30 12.26
N HIS A 194 -1.29 -16.98 11.99
CA HIS A 194 -2.02 -17.26 13.62
CA HIS A 194 -1.83 -16.83 13.31
C HIS A 194 -3.53 -17.41 13.65
C HIS A 194 -3.35 -16.85 13.33
N GLY A 195 -4.07 -18.08 12.64
N GLY A 195 -3.96 -17.78 12.59
CA GLY A 195 -5.47 -18.47 12.68
CA GLY A 195 -5.38 -18.07 12.78
C GLY A 195 -6.36 -17.98 11.56
C GLY A 195 -6.26 -18.01 11.56
N TRP A 196 -5.77 -17.36 10.51
CA TRP A 196 -6.53 -17.12 9.27
C TRP A 196 -5.92 -17.90 8.12
N SER A 197 -6.79 -18.41 7.28
CA SER A 197 -6.44 -18.97 5.97
C SER A 197 -7.38 -18.40 4.91
N PHE A 198 -6.83 -18.13 3.75
CA PHE A 198 -7.65 -17.65 2.61
C PHE A 198 -8.73 -18.70 2.29
N PRO A 199 -9.98 -18.29 2.00
CA PRO A 199 -10.52 -16.93 1.92
C PRO A 199 -11.41 -16.57 3.13
N GLY A 200 -10.92 -16.75 4.35
CA GLY A 200 -11.72 -16.40 5.51
C GLY A 200 -12.16 -14.93 5.51
N ILE A 201 -13.30 -14.63 6.13
CA ILE A 201 -13.78 -13.26 6.24
C ILE A 201 -12.85 -12.35 7.07
N GLY A 202 -11.99 -12.92 7.90
CA GLY A 202 -11.17 -12.10 8.76
C GLY A 202 -11.94 -11.58 9.99
N GLU A 203 -11.27 -10.74 10.79
CA GLU A 203 -11.90 -10.19 12.01
C GLU A 203 -11.58 -8.71 12.15
N PHE A 204 -12.44 -8.03 12.92
CA PHE A 204 -12.22 -6.66 13.35
C PHE A 204 -11.15 -6.60 14.43
N ILE A 205 -10.12 -5.77 14.23
CA ILE A 205 -8.94 -5.78 15.09
C ILE A 205 -8.84 -4.44 15.86
N CYS A 206 -9.89 -4.15 16.62
CA CYS A 206 -10.10 -2.86 17.26
C CYS A 206 -10.22 -2.96 18.80
N TYR A 207 -9.70 -4.03 19.39
CA TYR A 207 -9.86 -4.29 20.82
CA TYR A 207 -9.88 -4.29 20.81
C TYR A 207 -8.76 -3.75 21.70
N ASP A 208 -7.72 -3.11 21.14
CA ASP A 208 -6.74 -2.48 22.01
C ASP A 208 -7.45 -1.39 22.83
N LYS A 209 -6.92 -1.11 24.02
CA LYS A 209 -7.63 -0.24 24.96
C LYS A 209 -7.77 1.18 24.41
N TYR A 210 -6.83 1.62 23.58
CA TYR A 210 -6.90 2.97 23.03
C TYR A 210 -8.09 3.07 22.05
N LEU A 211 -8.22 2.09 21.15
CA LEU A 211 -9.35 2.08 20.24
C LEU A 211 -10.68 1.83 20.96
N GLN A 212 -10.70 1.01 22.01
CA GLN A 212 -11.95 0.85 22.77
C GLN A 212 -12.38 2.18 23.40
N ALA A 213 -11.42 2.95 23.96
CA ALA A 213 -11.74 4.25 24.56
C ALA A 213 -12.22 5.22 23.48
N ASP A 214 -11.62 5.17 22.29
CA ASP A 214 -11.99 6.02 21.16
CA ASP A 214 -12.02 6.06 21.23
C ASP A 214 -13.44 5.74 20.73
N PHE A 215 -13.77 4.45 20.61
CA PHE A 215 -15.14 4.06 20.25
C PHE A 215 -16.13 4.56 21.33
N LYS A 216 -15.79 4.33 22.60
CA LYS A 216 -16.66 4.77 23.70
C LYS A 216 -16.91 6.28 23.63
N ALA A 217 -15.88 7.07 23.36
CA ALA A 217 -16.00 8.53 23.26
C ALA A 217 -16.89 8.89 22.04
N ALA A 218 -16.69 8.21 20.91
CA ALA A 218 -17.47 8.47 19.71
C ALA A 218 -18.95 8.16 19.93
N ALA A 219 -19.23 7.01 20.55
CA ALA A 219 -20.58 6.62 20.87
C ALA A 219 -21.21 7.61 21.89
N ALA A 220 -20.44 8.04 22.89
CA ALA A 220 -20.93 9.03 23.87
C ALA A 220 -21.33 10.33 23.15
N ALA A 221 -20.54 10.75 22.17
CA ALA A 221 -20.75 12.04 21.49
C ALA A 221 -22.07 12.07 20.74
N VAL A 222 -22.54 10.90 20.30
CA VAL A 222 -23.83 10.78 19.61
C VAL A 222 -24.97 10.26 20.49
N GLY A 223 -24.77 10.20 21.81
CA GLY A 223 -25.84 9.87 22.75
C GLY A 223 -26.15 8.39 22.90
N HIS A 224 -25.20 7.51 22.53
CA HIS A 224 -25.37 6.07 22.63
C HIS A 224 -24.24 5.44 23.42
N PRO A 225 -24.14 5.76 24.72
CA PRO A 225 -23.08 5.18 25.52
C PRO A 225 -23.17 3.67 25.65
N GLU A 226 -24.33 3.11 25.34
CA GLU A 226 -24.48 1.69 25.44
C GLU A 226 -23.99 0.92 24.27
N TRP A 227 -23.67 1.59 23.17
CA TRP A 227 -23.22 0.86 22.01
C TRP A 227 -21.88 0.21 22.26
N GLU A 228 -21.69 -0.96 21.64
CA GLU A 228 -20.45 -1.72 21.73
C GLU A 228 -20.12 -2.26 20.35
N PHE A 229 -18.92 -2.81 20.23
CA PHE A 229 -18.57 -3.50 19.01
C PHE A 229 -19.54 -4.65 18.73
N PRO A 230 -19.79 -5.00 17.46
CA PRO A 230 -20.68 -6.11 17.16
C PRO A 230 -20.11 -7.43 17.68
N ASN A 231 -20.98 -8.29 18.19
N ASN A 231 -21.02 -8.25 18.21
CA ASN A 231 -20.58 -9.58 18.77
CA ASN A 231 -20.69 -9.53 18.81
C ASN A 231 -20.93 -10.78 17.88
C ASN A 231 -21.40 -10.70 18.13
N ASP A 232 -21.70 -10.52 16.85
CA ASP A 232 -22.31 -11.56 16.02
C ASP A 232 -21.54 -11.72 14.70
N VAL A 233 -20.21 -11.68 14.81
CA VAL A 233 -19.29 -11.52 13.71
C VAL A 233 -18.50 -12.79 13.37
N GLY A 234 -18.77 -13.88 14.07
CA GLY A 234 -18.01 -15.10 13.77
C GLY A 234 -16.50 -14.92 14.05
N GLN A 235 -15.72 -15.62 13.26
CA GLN A 235 -14.28 -15.71 13.43
CA GLN A 235 -14.28 -15.75 13.43
C GLN A 235 -13.57 -15.76 12.09
N TYR A 236 -12.23 -15.68 12.15
CA TYR A 236 -11.39 -15.50 10.96
C TYR A 236 -11.79 -16.33 9.74
N ASN A 237 -11.99 -17.65 9.95
CA ASN A 237 -12.17 -18.58 8.83
C ASN A 237 -13.62 -18.86 8.48
N ASP A 238 -14.55 -18.10 9.05
CA ASP A 238 -15.93 -18.18 8.61
C ASP A 238 -16.12 -17.65 7.22
N THR A 239 -17.28 -17.99 6.66
CA THR A 239 -17.83 -17.32 5.49
C THR A 239 -18.98 -16.43 5.96
N PRO A 240 -19.46 -15.48 5.12
CA PRO A 240 -20.44 -14.50 5.63
C PRO A 240 -21.71 -15.14 6.22
N GLU A 241 -22.26 -16.19 5.59
CA GLU A 241 -23.52 -16.76 6.04
C GLU A 241 -23.41 -17.53 7.35
N ARG A 242 -22.18 -17.76 7.84
CA ARG A 242 -21.97 -18.32 9.16
C ARG A 242 -22.28 -17.34 10.29
N THR A 243 -22.53 -16.07 9.96
CA THR A 243 -22.64 -15.01 10.95
C THR A 243 -23.93 -14.21 10.77
N GLN A 244 -24.43 -13.66 11.88
CA GLN A 244 -25.58 -12.74 11.74
C GLN A 244 -25.16 -11.36 11.26
N PHE A 245 -23.91 -10.95 11.50
CA PHE A 245 -23.46 -9.63 11.06
C PHE A 245 -23.31 -9.53 9.55
N PHE A 246 -22.60 -10.49 8.94
CA PHE A 246 -22.20 -10.37 7.54
C PHE A 246 -23.13 -11.09 6.57
N ARG A 247 -24.09 -11.88 7.05
CA ARG A 247 -24.96 -12.60 6.13
C ARG A 247 -25.74 -11.58 5.28
N ASP A 248 -26.23 -12.05 4.14
CA ASP A 248 -27.15 -11.22 3.33
C ASP A 248 -28.34 -10.86 4.24
N ASN A 249 -28.70 -9.58 4.26
CA ASN A 249 -29.76 -9.06 5.14
C ASN A 249 -29.39 -9.09 6.62
N GLY A 250 -28.09 -9.12 6.90
CA GLY A 250 -27.61 -9.19 8.26
C GLY A 250 -27.50 -7.87 9.00
N THR A 251 -26.90 -7.92 10.19
CA THR A 251 -26.90 -6.76 11.07
C THR A 251 -25.85 -5.70 10.70
N TYR A 252 -25.01 -5.96 9.71
CA TYR A 252 -24.14 -4.92 9.19
C TYR A 252 -24.96 -3.73 8.65
N LEU A 253 -26.23 -3.99 8.28
CA LEU A 253 -27.11 -2.98 7.69
C LEU A 253 -27.76 -2.07 8.73
N SER A 254 -27.75 -2.47 9.99
CA SER A 254 -28.47 -1.77 11.06
C SER A 254 -27.83 -0.45 11.42
N GLU A 255 -28.55 0.38 12.17
CA GLU A 255 -28.00 1.65 12.64
C GLU A 255 -26.68 1.48 13.40
N LYS A 256 -26.67 0.54 14.34
CA LYS A 256 -25.47 0.26 15.14
C LYS A 256 -24.34 -0.29 14.27
N GLY A 257 -24.72 -1.13 13.31
CA GLY A 257 -23.74 -1.71 12.39
C GLY A 257 -23.05 -0.64 11.53
N ARG A 258 -23.88 0.26 10.99
CA ARG A 258 -23.37 1.36 10.18
C ARG A 258 -22.45 2.27 11.00
N PHE A 259 -22.85 2.56 12.23
CA PHE A 259 -22.04 3.44 13.09
C PHE A 259 -20.66 2.80 13.31
N PHE A 260 -20.66 1.52 13.68
CA PHE A 260 -19.40 0.81 13.94
C PHE A 260 -18.52 0.76 12.68
N LEU A 261 -19.11 0.39 11.54
CA LEU A 261 -18.32 0.28 10.33
C LEU A 261 -17.74 1.61 9.90
N ALA A 262 -18.53 2.68 10.02
CA ALA A 262 -18.02 4.01 9.73
C ALA A 262 -16.88 4.38 10.69
N TRP A 263 -17.05 4.11 11.99
CA TRP A 263 -16.02 4.44 12.96
C TRP A 263 -14.69 3.71 12.61
N TYR A 264 -14.83 2.41 12.32
CA TYR A 264 -13.66 1.55 12.12
C TYR A 264 -12.89 1.99 10.87
N SER A 265 -13.61 2.24 9.77
CA SER A 265 -13.01 2.67 8.52
C SER A 265 -12.54 4.14 8.58
N ASN A 266 -13.29 5.02 9.29
CA ASN A 266 -12.89 6.39 9.46
C ASN A 266 -11.56 6.48 10.20
N ASN A 267 -11.31 5.61 11.17
N ASN A 267 -11.35 5.57 11.17
CA ASN A 267 -10.08 5.76 11.90
CA ASN A 267 -10.10 5.51 11.95
C ASN A 267 -8.86 5.48 11.02
C ASN A 267 -8.92 5.51 10.99
N LEU A 268 -8.97 4.57 10.03
CA LEU A 268 -7.85 4.43 9.08
CA LEU A 268 -7.92 4.39 9.08
C LEU A 268 -7.67 5.66 8.24
N ILE A 269 -8.78 6.28 7.79
CA ILE A 269 -8.70 7.50 7.01
C ILE A 269 -8.01 8.61 7.83
N LYS A 270 -8.37 8.76 9.09
CA LYS A 270 -7.77 9.78 9.95
C LYS A 270 -6.27 9.51 10.18
N HIS A 271 -5.94 8.22 10.37
CA HIS A 271 -4.55 7.79 10.52
C HIS A 271 -3.72 8.17 9.30
N GLY A 272 -4.23 7.87 8.10
CA GLY A 272 -3.54 8.25 6.89
C GLY A 272 -3.40 9.77 6.76
N ASP A 273 -4.47 10.51 7.05
CA ASP A 273 -4.44 11.96 6.88
C ASP A 273 -3.36 12.59 7.76
N ARG A 274 -3.29 12.20 9.04
CA ARG A 274 -2.37 12.84 9.96
CA ARG A 274 -2.37 12.85 9.94
C ARG A 274 -0.92 12.50 9.64
N ILE A 275 -0.66 11.25 9.20
CA ILE A 275 0.71 10.86 8.87
C ILE A 275 1.14 11.48 7.53
N LEU A 276 0.25 11.51 6.56
CA LEU A 276 0.54 12.18 5.28
C LEU A 276 0.80 13.67 5.49
N ASP A 277 0.10 14.33 6.43
CA ASP A 277 0.38 15.75 6.66
C ASP A 277 1.84 15.92 7.10
N GLU A 278 2.30 15.04 8.00
CA GLU A 278 3.70 15.06 8.44
CA GLU A 278 3.69 15.09 8.44
C GLU A 278 4.65 14.78 7.30
N ALA A 279 4.34 13.78 6.46
CA ALA A 279 5.20 13.45 5.34
C ALA A 279 5.30 14.63 4.35
N ASN A 280 4.16 15.27 4.09
CA ASN A 280 4.15 16.43 3.19
C ASN A 280 5.03 17.56 3.75
N LYS A 281 4.95 17.83 5.06
CA LYS A 281 5.84 18.82 5.66
C LYS A 281 7.31 18.44 5.51
N VAL A 282 7.65 17.16 5.68
CA VAL A 282 9.03 16.75 5.53
C VAL A 282 9.55 16.99 4.12
N PHE A 283 8.79 16.56 3.12
CA PHE A 283 9.25 16.54 1.73
C PHE A 283 8.85 17.78 0.93
N LEU A 284 8.29 18.78 1.60
CA LEU A 284 7.90 20.06 0.98
C LEU A 284 9.05 20.57 0.10
N GLY A 285 8.70 20.91 -1.15
CA GLY A 285 9.67 21.52 -2.08
C GLY A 285 10.55 20.54 -2.85
N TYR A 286 10.51 19.25 -2.53
CA TYR A 286 11.26 18.26 -3.29
C TYR A 286 10.39 17.73 -4.44
N LYS A 287 11.05 17.29 -5.51
CA LYS A 287 10.40 16.84 -6.75
C LYS A 287 10.06 15.36 -6.62
N VAL A 288 9.14 15.06 -5.72
CA VAL A 288 8.74 13.68 -5.41
C VAL A 288 7.23 13.57 -5.37
N GLN A 289 6.75 12.35 -5.59
N GLN A 289 6.73 12.39 -5.74
CA GLN A 289 5.37 11.89 -5.43
CA GLN A 289 5.38 11.95 -5.46
C GLN A 289 5.24 11.22 -4.03
C GLN A 289 5.33 11.33 -4.06
N LEU A 290 4.38 11.69 -3.11
N LEU A 290 4.18 11.50 -3.42
CA LEU A 290 4.03 10.86 -1.93
CA LEU A 290 3.89 10.94 -2.12
C LEU A 290 2.89 9.91 -2.33
C LEU A 290 2.75 9.94 -2.25
N ALA A 291 2.92 8.72 -1.78
CA ALA A 291 1.94 7.65 -2.06
C ALA A 291 1.57 6.91 -0.77
N ILE A 292 0.39 6.29 -0.84
CA ILE A 292 -0.01 5.25 0.12
C ILE A 292 -0.28 3.96 -0.64
N LYS A 293 -0.30 2.86 0.13
CA LYS A 293 -0.58 1.53 -0.42
C LYS A 293 -1.91 1.06 0.16
N ILE A 294 -2.90 0.85 -0.71
CA ILE A 294 -4.19 0.28 -0.34
C ILE A 294 -4.13 -1.23 -0.61
N SER A 295 -4.48 -2.03 0.39
CA SER A 295 -4.50 -3.48 0.24
CA SER A 295 -4.45 -3.47 0.17
C SER A 295 -5.56 -3.93 -0.76
N GLY A 296 -5.30 -5.01 -1.50
CA GLY A 296 -6.24 -5.54 -2.45
C GLY A 296 -7.03 -6.72 -1.89
N ILE A 297 -8.20 -6.43 -1.36
CA ILE A 297 -9.03 -7.40 -0.68
C ILE A 297 -10.14 -7.81 -1.64
N HIS A 298 -9.82 -8.76 -2.54
CA HIS A 298 -10.71 -9.13 -3.61
C HIS A 298 -11.71 -10.22 -3.23
N TRP A 299 -11.43 -10.96 -2.17
CA TRP A 299 -12.30 -12.04 -1.72
C TRP A 299 -13.54 -11.46 -0.99
N TRP A 300 -14.69 -12.06 -1.28
CA TRP A 300 -16.02 -11.63 -0.83
C TRP A 300 -16.49 -10.33 -1.49
N TYR A 301 -15.79 -9.82 -2.51
CA TYR A 301 -16.28 -8.63 -3.19
C TYR A 301 -17.64 -8.89 -3.86
N LYS A 302 -17.90 -10.14 -4.27
CA LYS A 302 -19.13 -10.49 -4.97
CA LYS A 302 -19.13 -10.49 -4.97
C LYS A 302 -20.37 -10.66 -4.08
N VAL A 303 -20.23 -10.64 -2.76
CA VAL A 303 -21.39 -10.82 -1.89
C VAL A 303 -21.79 -9.48 -1.24
N PRO A 304 -23.03 -9.36 -0.76
CA PRO A 304 -23.47 -8.02 -0.33
C PRO A 304 -22.63 -7.38 0.76
N SER A 305 -22.18 -8.17 1.75
CA SER A 305 -21.45 -7.59 2.87
C SER A 305 -20.01 -7.18 2.55
N HIS A 306 -19.42 -7.66 1.45
CA HIS A 306 -17.99 -7.34 1.19
C HIS A 306 -17.20 -7.58 2.49
N ALA A 307 -17.40 -8.78 3.09
CA ALA A 307 -17.01 -8.97 4.49
C ALA A 307 -15.50 -8.75 4.74
N ALA A 308 -14.67 -9.29 3.85
CA ALA A 308 -13.21 -9.18 4.07
C ALA A 308 -12.72 -7.74 3.88
N GLU A 309 -13.32 -6.98 2.96
CA GLU A 309 -13.01 -5.56 2.88
C GLU A 309 -13.39 -4.88 4.20
N LEU A 310 -14.58 -5.19 4.73
CA LEU A 310 -15.03 -4.55 5.95
C LEU A 310 -14.04 -4.79 7.09
N THR A 311 -13.62 -6.05 7.31
CA THR A 311 -12.73 -6.32 8.42
C THR A 311 -11.32 -5.73 8.21
N ALA A 312 -10.88 -5.61 6.96
CA ALA A 312 -9.61 -4.92 6.66
C ALA A 312 -9.67 -3.42 6.97
N GLY A 313 -10.90 -2.85 6.98
CA GLY A 313 -11.11 -1.43 7.22
C GLY A 313 -11.63 -0.62 6.06
N TYR A 314 -12.03 -1.28 4.97
CA TYR A 314 -12.57 -0.62 3.78
C TYR A 314 -14.08 -0.81 3.75
N TYR A 315 -14.81 0.27 4.05
CA TYR A 315 -16.27 0.19 4.22
C TYR A 315 -16.93 0.37 2.86
N ASN A 316 -16.86 -0.71 2.10
CA ASN A 316 -17.21 -0.74 0.67
C ASN A 316 -18.43 -1.66 0.47
N LEU A 317 -19.52 -1.09 -0.06
CA LEU A 317 -20.76 -1.84 -0.30
C LEU A 317 -21.30 -1.44 -1.68
N HIS A 318 -22.33 -2.12 -2.16
CA HIS A 318 -22.89 -1.82 -3.48
C HIS A 318 -23.24 -0.34 -3.64
N ASP A 319 -23.73 0.29 -2.58
CA ASP A 319 -24.19 1.66 -2.59
CA ASP A 319 -24.16 1.68 -2.64
C ASP A 319 -23.28 2.62 -1.82
N ARG A 320 -22.05 2.20 -1.50
CA ARG A 320 -21.15 3.01 -0.68
C ARG A 320 -19.72 2.82 -1.15
N ASP A 321 -19.10 3.86 -1.71
CA ASP A 321 -17.75 3.76 -2.25
C ASP A 321 -16.71 3.97 -1.15
N GLY A 322 -16.23 2.83 -0.63
CA GLY A 322 -15.25 2.86 0.48
C GLY A 322 -13.83 3.17 0.07
N TYR A 323 -13.58 3.34 -1.24
CA TYR A 323 -12.28 3.77 -1.74
C TYR A 323 -12.25 5.22 -2.18
N ARG A 324 -13.39 5.74 -2.68
CA ARG A 324 -13.41 7.14 -3.07
C ARG A 324 -13.31 8.07 -1.85
N THR A 325 -13.78 7.63 -0.68
CA THR A 325 -13.55 8.37 0.56
C THR A 325 -12.04 8.49 0.85
N ILE A 326 -11.32 7.37 0.78
CA ILE A 326 -9.89 7.39 0.95
C ILE A 326 -9.25 8.35 -0.07
N ALA A 327 -9.66 8.22 -1.33
CA ALA A 327 -9.12 9.09 -2.40
C ALA A 327 -9.35 10.57 -2.09
N ARG A 328 -10.54 10.91 -1.60
CA ARG A 328 -10.83 12.31 -1.25
C ARG A 328 -9.92 12.80 -0.16
N MET A 329 -9.62 11.95 0.85
CA MET A 329 -8.66 12.31 1.89
C MET A 329 -7.27 12.60 1.33
N LEU A 330 -6.86 11.82 0.32
CA LEU A 330 -5.54 11.98 -0.28
C LEU A 330 -5.38 13.28 -1.06
N LYS A 331 -6.51 13.80 -1.56
CA LYS A 331 -6.50 14.90 -2.54
C LYS A 331 -5.73 16.13 -2.01
N ARG A 332 -5.96 16.54 -0.77
CA ARG A 332 -5.30 17.78 -0.32
C ARG A 332 -3.79 17.63 -0.28
N HIS A 333 -3.30 16.43 -0.09
CA HIS A 333 -1.86 16.15 0.01
C HIS A 333 -1.25 16.02 -1.38
N ARG A 334 -2.05 15.92 -2.43
CA ARG A 334 -1.68 15.49 -3.78
CA ARG A 334 -1.50 15.56 -3.75
C ARG A 334 -0.89 14.18 -3.68
N ALA A 335 -1.39 13.27 -2.81
CA ALA A 335 -0.86 11.93 -2.63
C ALA A 335 -1.47 10.99 -3.67
N SER A 336 -0.70 9.97 -4.05
CA SER A 336 -1.09 8.90 -5.00
CA SER A 336 -1.17 9.00 -5.00
C SER A 336 -1.61 7.69 -4.27
N ILE A 337 -2.39 6.92 -5.03
CA ILE A 337 -2.73 5.55 -4.63
C ILE A 337 -1.82 4.57 -5.34
N ASN A 338 -1.20 3.64 -4.60
CA ASN A 338 -0.53 2.50 -5.19
C ASN A 338 -1.37 1.27 -4.83
N PHE A 339 -2.00 0.70 -5.84
CA PHE A 339 -2.92 -0.42 -5.67
C PHE A 339 -2.24 -1.72 -6.13
N THR A 340 -2.99 -2.80 -6.23
CA THR A 340 -2.46 -4.13 -6.47
C THR A 340 -3.49 -4.93 -7.28
N CYS A 341 -3.21 -6.22 -7.51
CA CYS A 341 -4.09 -7.10 -8.28
C CYS A 341 -4.15 -6.75 -9.77
N ALA A 342 -3.18 -6.00 -10.28
CA ALA A 342 -3.23 -5.55 -11.67
C ALA A 342 -3.11 -6.68 -12.69
N GLU A 343 -2.61 -7.84 -12.26
CA GLU A 343 -2.37 -8.97 -13.14
C GLU A 343 -3.49 -10.01 -13.09
N MET A 344 -4.48 -9.84 -12.23
CA MET A 344 -5.45 -10.88 -11.96
C MET A 344 -6.68 -10.79 -12.85
N ARG A 345 -7.13 -11.96 -13.33
CA ARG A 345 -8.45 -12.12 -13.95
C ARG A 345 -9.38 -12.83 -12.97
N ASP A 346 -10.67 -12.49 -13.01
CA ASP A 346 -11.64 -13.14 -12.14
C ASP A 346 -11.69 -14.66 -12.38
N SER A 347 -11.51 -15.10 -13.62
CA SER A 347 -11.56 -16.50 -13.96
C SER A 347 -10.42 -17.32 -13.33
N GLU A 348 -9.36 -16.67 -12.86
CA GLU A 348 -8.23 -17.34 -12.24
C GLU A 348 -8.45 -17.62 -10.77
N GLN A 349 -9.55 -17.11 -10.19
CA GLN A 349 -9.80 -17.22 -8.75
C GLN A 349 -10.74 -18.40 -8.47
N SER A 350 -10.70 -18.92 -7.27
CA SER A 350 -11.63 -19.99 -6.89
C SER A 350 -13.02 -19.44 -6.70
N SER A 351 -14.00 -20.26 -7.10
CA SER A 351 -15.38 -19.84 -7.00
C SER A 351 -15.82 -19.53 -5.58
N GLN A 352 -15.40 -20.35 -4.62
CA GLN A 352 -15.88 -20.21 -3.25
CA GLN A 352 -15.85 -20.21 -3.25
C GLN A 352 -15.40 -18.91 -2.62
N ALA A 353 -14.33 -18.29 -3.15
CA ALA A 353 -13.80 -17.06 -2.60
C ALA A 353 -14.63 -15.83 -2.99
N MET A 354 -15.56 -15.98 -3.94
CA MET A 354 -16.44 -14.86 -4.31
CA MET A 354 -16.44 -14.86 -4.33
CA MET A 354 -16.44 -14.86 -4.31
C MET A 354 -15.62 -13.61 -4.61
N SER A 355 -14.61 -13.83 -5.48
CA SER A 355 -13.51 -12.92 -5.69
C SER A 355 -13.64 -12.16 -7.00
N ALA A 356 -13.43 -10.84 -6.94
CA ALA A 356 -13.61 -9.99 -8.12
C ALA A 356 -12.48 -8.96 -8.25
N PRO A 357 -11.24 -9.47 -8.45
CA PRO A 357 -10.12 -8.51 -8.55
C PRO A 357 -10.28 -7.52 -9.68
N GLU A 358 -10.83 -7.93 -10.83
CA GLU A 358 -10.92 -6.98 -11.96
C GLU A 358 -11.80 -5.79 -11.58
N GLU A 359 -12.97 -6.10 -11.03
CA GLU A 359 -13.92 -5.05 -10.68
CA GLU A 359 -13.94 -5.07 -10.63
C GLU A 359 -13.40 -4.18 -9.51
N LEU A 360 -12.70 -4.79 -8.57
CA LEU A 360 -12.06 -4.05 -7.48
C LEU A 360 -11.03 -3.07 -8.04
N VAL A 361 -10.14 -3.55 -8.91
CA VAL A 361 -9.15 -2.67 -9.57
C VAL A 361 -9.86 -1.51 -10.28
N GLN A 362 -10.89 -1.83 -11.05
CA GLN A 362 -11.61 -0.78 -11.79
C GLN A 362 -12.22 0.26 -10.83
N GLN A 363 -12.74 -0.21 -9.70
CA GLN A 363 -13.32 0.69 -8.73
C GLN A 363 -12.28 1.63 -8.11
N VAL A 364 -11.14 1.06 -7.71
CA VAL A 364 -10.10 1.86 -7.03
C VAL A 364 -9.47 2.88 -8.01
N LEU A 365 -9.12 2.40 -9.20
CA LEU A 365 -8.56 3.30 -10.21
C LEU A 365 -9.54 4.44 -10.51
N SER A 366 -10.81 4.08 -10.72
CA SER A 366 -11.81 5.09 -11.05
C SER A 366 -11.99 6.12 -9.93
N ALA A 367 -11.98 5.64 -8.68
CA ALA A 367 -12.10 6.54 -7.53
C ALA A 367 -10.92 7.52 -7.49
N GLY A 368 -9.72 7.00 -7.66
CA GLY A 368 -8.55 7.90 -7.64
C GLY A 368 -8.62 8.93 -8.76
N TRP A 369 -8.96 8.49 -9.96
CA TRP A 369 -9.05 9.41 -11.09
C TRP A 369 -10.14 10.46 -10.91
N ARG A 370 -11.28 10.09 -10.33
CA ARG A 370 -12.32 11.09 -10.09
C ARG A 370 -11.93 12.13 -9.05
N GLU A 371 -10.99 11.79 -8.15
CA GLU A 371 -10.47 12.74 -7.19
C GLU A 371 -9.23 13.48 -7.69
N GLY A 372 -8.86 13.27 -8.96
CA GLY A 372 -7.72 13.95 -9.55
C GLY A 372 -6.36 13.44 -9.14
N LEU A 373 -6.28 12.20 -8.67
CA LEU A 373 -5.04 11.61 -8.18
C LEU A 373 -4.27 10.87 -9.27
N ASN A 374 -2.97 10.77 -9.11
CA ASN A 374 -2.19 9.75 -9.79
C ASN A 374 -2.47 8.39 -9.13
N VAL A 375 -2.58 7.36 -9.97
CA VAL A 375 -2.81 6.00 -9.50
C VAL A 375 -1.77 5.10 -10.14
N ALA A 376 -1.07 4.34 -9.31
CA ALA A 376 -0.10 3.33 -9.75
C ALA A 376 -0.61 1.96 -9.29
N CYS A 377 -0.01 0.88 -9.79
CA CYS A 377 -0.41 -0.44 -9.38
CA CYS A 377 -0.43 -0.46 -9.46
C CYS A 377 0.75 -1.42 -9.39
N GLU A 378 0.56 -2.51 -8.65
CA GLU A 378 1.44 -3.66 -8.57
C GLU A 378 0.68 -4.93 -8.98
N ASN A 379 1.42 -6.00 -9.27
CA ASN A 379 0.84 -7.35 -9.26
C ASN A 379 0.74 -7.86 -7.83
N ALA A 380 -0.33 -8.59 -7.54
CA ALA A 380 -0.53 -9.20 -6.22
C ALA A 380 0.33 -10.43 -6.01
N LEU A 381 0.43 -11.30 -7.01
CA LEU A 381 1.07 -12.60 -6.89
C LEU A 381 2.13 -12.74 -7.94
N PRO A 382 3.07 -13.70 -7.73
CA PRO A 382 4.16 -13.85 -8.70
C PRO A 382 3.61 -14.42 -10.03
N ARG A 383 3.94 -13.77 -11.11
CA ARG A 383 3.52 -14.19 -12.45
C ARG A 383 4.61 -13.84 -13.46
N TYR A 384 4.81 -14.76 -14.40
CA TYR A 384 5.85 -14.63 -15.43
C TYR A 384 5.33 -14.78 -16.85
N ASP A 385 4.02 -15.04 -16.98
CA ASP A 385 3.40 -15.47 -18.21
C ASP A 385 2.79 -14.32 -19.02
N PRO A 386 2.67 -14.49 -20.35
CA PRO A 386 2.09 -13.45 -21.19
C PRO A 386 0.69 -12.99 -20.78
N THR A 387 -0.17 -13.92 -20.34
CA THR A 387 -1.54 -13.55 -19.97
C THR A 387 -1.51 -12.52 -18.82
N ALA A 388 -0.68 -12.77 -17.80
CA ALA A 388 -0.55 -11.82 -16.69
C ALA A 388 -0.11 -10.45 -17.19
N TYR A 389 0.90 -10.41 -18.05
CA TYR A 389 1.38 -9.15 -18.56
C TYR A 389 0.31 -8.42 -19.40
N ASN A 390 -0.48 -9.19 -20.16
CA ASN A 390 -1.57 -8.60 -20.93
C ASN A 390 -2.71 -8.05 -20.05
N THR A 391 -2.95 -8.69 -18.90
CA THR A 391 -3.94 -8.16 -17.95
C THR A 391 -3.42 -6.85 -17.35
N ILE A 392 -2.14 -6.81 -17.00
CA ILE A 392 -1.54 -5.58 -16.50
C ILE A 392 -1.67 -4.48 -17.55
N LEU A 393 -1.33 -4.80 -18.80
CA LEU A 393 -1.41 -3.82 -19.90
C LEU A 393 -2.83 -3.24 -20.04
N ARG A 394 -3.84 -4.11 -19.92
CA ARG A 394 -5.22 -3.63 -19.99
C ARG A 394 -5.49 -2.60 -18.91
N ASN A 395 -5.12 -2.91 -17.67
CA ASN A 395 -5.33 -2.02 -16.55
C ASN A 395 -4.50 -0.74 -16.65
N ALA A 396 -3.33 -0.81 -17.28
CA ALA A 396 -2.44 0.34 -17.41
C ALA A 396 -3.01 1.42 -18.33
N ARG A 397 -3.72 0.99 -19.37
CA ARG A 397 -4.36 1.90 -20.33
C ARG A 397 -5.78 1.35 -20.61
N PRO A 398 -6.74 1.63 -19.72
N PRO A 398 -6.75 1.63 -19.73
CA PRO A 398 -8.07 1.04 -19.82
CA PRO A 398 -8.06 0.99 -19.86
C PRO A 398 -8.80 1.31 -21.14
C PRO A 398 -8.80 1.29 -21.16
N HIS A 399 -8.52 2.43 -21.78
CA HIS A 399 -9.16 2.81 -23.03
C HIS A 399 -8.24 2.58 -24.23
N GLY A 400 -7.10 1.91 -24.02
CA GLY A 400 -6.10 1.66 -25.03
C GLY A 400 -5.33 2.92 -25.38
N ILE A 401 -4.70 2.89 -26.55
CA ILE A 401 -3.79 3.94 -26.97
C ILE A 401 -4.51 5.06 -27.69
N ASN A 402 -4.14 6.31 -27.37
CA ASN A 402 -4.51 7.52 -28.13
C ASN A 402 -3.38 7.78 -29.08
N GLN A 403 -3.71 7.75 -30.36
CA GLN A 403 -2.69 7.92 -31.41
C GLN A 403 -1.99 9.27 -31.52
N SER A 404 -2.55 10.33 -30.93
CA SER A 404 -2.03 11.69 -31.13
C SER A 404 -1.95 12.60 -29.88
N GLY A 405 -2.19 12.04 -28.70
CA GLY A 405 -2.19 12.81 -27.46
C GLY A 405 -2.28 11.86 -26.29
N PRO A 406 -2.42 12.42 -25.07
CA PRO A 406 -2.59 11.55 -23.92
C PRO A 406 -3.91 10.76 -23.95
N PRO A 407 -3.91 9.52 -23.44
CA PRO A 407 -5.17 8.80 -23.29
C PRO A 407 -6.01 9.44 -22.18
N GLU A 408 -7.29 9.11 -22.16
CA GLU A 408 -8.18 9.74 -21.20
C GLU A 408 -7.81 9.37 -19.74
N HIS A 409 -7.38 8.11 -19.50
CA HIS A 409 -6.88 7.62 -18.22
C HIS A 409 -5.73 6.63 -18.45
N LYS A 410 -4.78 6.63 -17.52
CA LYS A 410 -3.67 5.69 -17.56
CA LYS A 410 -3.65 5.73 -17.58
C LYS A 410 -3.08 5.57 -16.18
N LEU A 411 -2.47 4.42 -15.87
CA LEU A 411 -1.67 4.32 -14.66
C LEU A 411 -0.49 5.28 -14.77
N PHE A 412 -0.15 5.87 -13.61
CA PHE A 412 1.04 6.72 -13.49
C PHE A 412 2.31 5.88 -13.46
N GLY A 413 2.20 4.62 -13.04
CA GLY A 413 3.32 3.69 -13.02
C GLY A 413 2.82 2.31 -12.64
N PHE A 414 3.67 1.32 -12.91
CA PHE A 414 3.46 -0.05 -12.52
C PHE A 414 4.73 -0.55 -11.84
N THR A 415 4.61 -1.23 -10.71
CA THR A 415 5.75 -1.86 -10.05
C THR A 415 5.57 -3.36 -10.02
N TYR A 416 6.56 -4.07 -10.56
CA TYR A 416 6.60 -5.52 -10.63
C TYR A 416 7.19 -6.12 -9.36
N LEU A 417 6.44 -7.03 -8.74
CA LEU A 417 6.90 -7.77 -7.56
C LEU A 417 7.31 -9.16 -8.00
N ARG A 418 8.56 -9.58 -7.84
CA ARG A 418 9.71 -8.90 -7.32
CA ARG A 418 9.75 -8.87 -7.33
CA ARG A 418 9.71 -8.77 -7.48
C ARG A 418 10.94 -9.34 -8.17
N LEU A 419 11.99 -8.55 -8.17
CA LEU A 419 13.26 -8.98 -8.77
C LEU A 419 13.75 -10.27 -8.11
N SER A 420 14.23 -11.20 -8.94
CA SER A 420 14.92 -12.41 -8.47
C SER A 420 15.78 -12.88 -9.63
N ASN A 421 16.66 -13.85 -9.35
CA ASN A 421 17.41 -14.48 -10.43
C ASN A 421 16.50 -15.17 -11.45
N GLN A 422 15.41 -15.76 -10.97
N GLN A 422 15.39 -15.77 -11.01
CA GLN A 422 14.46 -16.43 -11.85
CA GLN A 422 14.53 -16.46 -11.96
C GLN A 422 13.85 -15.48 -12.89
C GLN A 422 13.77 -15.50 -12.89
N LEU A 423 13.57 -14.24 -12.51
CA LEU A 423 12.96 -13.29 -13.41
C LEU A 423 13.83 -13.00 -14.63
N VAL A 424 15.13 -12.90 -14.40
CA VAL A 424 16.02 -12.35 -15.40
C VAL A 424 16.80 -13.41 -16.23
N GLU A 425 16.28 -14.63 -16.25
CA GLU A 425 16.82 -15.65 -17.15
C GLU A 425 15.70 -16.29 -17.98
N GLY A 426 16.11 -16.95 -19.05
CA GLY A 426 15.25 -17.85 -19.80
C GLY A 426 14.01 -17.22 -20.38
N GLN A 427 12.97 -18.02 -20.45
CA GLN A 427 11.73 -17.54 -21.01
C GLN A 427 11.11 -16.43 -20.13
N ASN A 428 11.29 -16.51 -18.83
CA ASN A 428 10.75 -15.47 -17.95
C ASN A 428 11.28 -14.10 -18.38
N TYR A 429 12.58 -14.01 -18.63
CA TYR A 429 13.15 -12.74 -18.99
C TYR A 429 12.66 -12.26 -20.34
N ALA A 430 12.57 -13.16 -21.32
CA ALA A 430 12.03 -12.80 -22.62
C ALA A 430 10.63 -12.20 -22.50
N ASN A 431 9.79 -12.81 -21.70
CA ASN A 431 8.42 -12.34 -21.54
C ASN A 431 8.43 -10.94 -20.85
N PHE A 432 9.25 -10.76 -19.84
CA PHE A 432 9.33 -9.50 -19.10
C PHE A 432 9.80 -8.36 -20.00
N LYS A 433 10.83 -8.60 -20.82
CA LYS A 433 11.34 -7.58 -21.74
CA LYS A 433 11.32 -7.52 -21.68
C LYS A 433 10.24 -7.07 -22.67
N THR A 434 9.51 -8.00 -23.26
CA THR A 434 8.46 -7.62 -24.18
C THR A 434 7.37 -6.82 -23.45
N PHE A 435 7.01 -7.24 -22.24
CA PHE A 435 6.08 -6.46 -21.43
C PHE A 435 6.53 -5.01 -21.27
N VAL A 436 7.79 -4.79 -20.89
CA VAL A 436 8.27 -3.42 -20.72
C VAL A 436 8.11 -2.62 -22.01
N ASP A 437 8.49 -3.21 -23.17
CA ASP A 437 8.29 -2.54 -24.44
C ASP A 437 6.85 -2.09 -24.59
N ARG A 438 5.90 -3.00 -24.38
CA ARG A 438 4.48 -2.67 -24.56
C ARG A 438 4.01 -1.58 -23.56
N MET A 439 4.46 -1.65 -22.31
CA MET A 439 4.11 -0.61 -21.35
C MET A 439 4.60 0.76 -21.81
N HIS A 440 5.75 0.79 -22.45
CA HIS A 440 6.33 1.99 -23.03
C HIS A 440 5.77 2.36 -24.42
N ALA A 441 4.68 1.70 -24.84
CA ALA A 441 4.07 1.97 -26.14
C ALA A 441 5.08 1.77 -27.28
N ASN A 442 5.97 0.80 -27.09
CA ASN A 442 7.02 0.41 -28.02
C ASN A 442 8.05 1.51 -28.30
N LEU A 443 8.19 2.44 -27.36
CA LEU A 443 9.21 3.47 -27.37
C LEU A 443 10.39 3.07 -26.50
N PRO A 444 11.56 3.70 -26.71
CA PRO A 444 12.68 3.46 -25.81
C PRO A 444 12.43 4.10 -24.44
N ARG A 445 13.22 3.73 -23.46
CA ARG A 445 13.09 4.31 -22.13
CA ARG A 445 13.12 4.31 -22.12
C ARG A 445 13.27 5.83 -22.24
N ASP A 446 12.44 6.57 -21.50
CA ASP A 446 12.50 8.03 -21.48
C ASP A 446 12.90 8.47 -20.08
N PRO A 447 14.17 8.84 -19.86
N PRO A 447 14.17 8.85 -19.89
CA PRO A 447 14.60 9.24 -18.51
CA PRO A 447 14.61 9.24 -18.57
C PRO A 447 13.92 10.53 -18.00
C PRO A 447 13.93 10.51 -18.03
N TYR A 448 13.32 11.29 -18.92
CA TYR A 448 12.70 12.58 -18.57
C TYR A 448 11.18 12.51 -18.36
N VAL A 449 10.60 11.32 -18.46
CA VAL A 449 9.16 11.19 -18.43
C VAL A 449 8.60 11.53 -17.05
N ASP A 450 7.38 12.10 -17.04
CA ASP A 450 6.63 12.36 -15.80
C ASP A 450 7.44 13.18 -14.77
N PRO A 451 7.97 14.32 -15.19
CA PRO A 451 8.65 15.18 -14.24
C PRO A 451 7.69 15.65 -13.15
N MET A 452 8.21 15.82 -11.94
CA MET A 452 7.39 16.26 -10.81
CA MET A 452 7.39 16.30 -10.82
CA MET A 452 7.38 16.32 -10.85
CA MET A 452 7.43 16.26 -10.77
C MET A 452 7.74 17.72 -10.45
N ALA A 453 6.72 18.52 -10.15
CA ALA A 453 6.93 19.85 -9.63
C ALA A 453 7.42 19.73 -8.17
N PRO A 454 8.10 20.76 -7.64
CA PRO A 454 8.37 20.78 -6.20
C PRO A 454 7.08 20.55 -5.43
N LEU A 455 7.13 19.69 -4.43
CA LEU A 455 5.93 19.28 -3.72
C LEU A 455 5.33 20.51 -2.99
N PRO A 456 4.07 20.88 -3.28
CA PRO A 456 3.42 21.97 -2.55
C PRO A 456 2.88 21.48 -1.21
N ARG A 457 2.64 22.42 -0.32
CA ARG A 457 2.07 22.09 0.98
C ARG A 457 0.64 21.58 0.79
N SER A 458 0.28 20.61 1.64
CA SER A 458 -1.08 20.11 1.68
C SER A 458 -2.09 21.27 1.81
N GLY A 459 -3.21 21.12 1.10
CA GLY A 459 -4.31 22.04 1.24
C GLY A 459 -5.02 21.92 2.57
N PRO A 460 -6.07 22.74 2.77
CA PRO A 460 -6.78 22.77 4.04
C PRO A 460 -7.26 21.40 4.50
N GLU A 461 -7.04 21.11 5.78
CA GLU A 461 -7.62 19.92 6.39
C GLU A 461 -9.12 19.97 6.25
N ILE A 462 -9.70 18.84 5.84
CA ILE A 462 -11.14 18.68 5.72
C ILE A 462 -11.61 17.65 6.75
N SER A 463 -12.84 17.85 7.24
CA SER A 463 -13.38 16.97 8.27
C SER A 463 -13.72 15.60 7.72
N ILE A 464 -13.90 14.65 8.63
CA ILE A 464 -14.36 13.36 8.20
C ILE A 464 -15.71 13.42 7.48
N GLU A 465 -16.61 14.31 7.92
CA GLU A 465 -17.89 14.45 7.22
C GLU A 465 -17.69 14.93 5.78
N MET A 466 -16.79 15.86 5.57
CA MET A 466 -16.47 16.31 4.23
C MET A 466 -15.89 15.16 3.38
N ILE A 467 -14.98 14.37 3.94
CA ILE A 467 -14.42 13.22 3.22
C ILE A 467 -15.52 12.26 2.81
N LEU A 468 -16.46 12.00 3.73
CA LEU A 468 -17.50 11.00 3.50
C LEU A 468 -18.54 11.43 2.47
N GLN A 469 -18.56 12.69 2.05
CA GLN A 469 -19.42 13.06 0.92
CA GLN A 469 -19.41 13.09 0.92
C GLN A 469 -19.09 12.26 -0.32
N ALA A 470 -17.84 11.77 -0.44
CA ALA A 470 -17.43 11.00 -1.60
C ALA A 470 -17.99 9.57 -1.61
N ALA A 471 -18.59 9.11 -0.50
CA ALA A 471 -19.05 7.73 -0.42
C ALA A 471 -20.28 7.46 -1.27
N GLN A 472 -21.12 8.48 -1.51
N GLN A 472 -21.11 8.48 -1.53
CA GLN A 472 -22.41 8.30 -2.15
CA GLN A 472 -22.38 8.28 -2.20
C GLN A 472 -22.74 9.59 -2.93
C GLN A 472 -22.75 9.58 -2.92
N PRO A 473 -23.51 9.47 -4.02
CA PRO A 473 -23.89 8.23 -4.68
C PRO A 473 -22.66 7.47 -5.22
N LYS A 474 -22.75 6.15 -5.17
CA LYS A 474 -21.73 5.29 -5.78
C LYS A 474 -21.83 5.40 -7.31
N LEU A 475 -20.71 5.65 -7.99
CA LEU A 475 -20.69 5.80 -9.44
C LEU A 475 -20.12 4.54 -10.10
N GLN A 476 -20.58 4.27 -11.30
CA GLN A 476 -20.02 3.17 -12.09
C GLN A 476 -18.56 3.49 -12.46
N PRO A 477 -17.73 2.44 -12.64
CA PRO A 477 -16.35 2.69 -13.03
C PRO A 477 -16.28 3.26 -14.44
N PHE A 478 -15.18 3.90 -14.79
CA PHE A 478 -14.90 4.23 -16.16
C PHE A 478 -14.83 2.94 -16.99
N PRO A 479 -15.16 3.03 -18.26
CA PRO A 479 -15.11 1.81 -19.09
C PRO A 479 -13.69 1.29 -19.30
N PHE A 480 -13.51 -0.03 -19.11
CA PHE A 480 -12.24 -0.73 -19.35
C PHE A 480 -12.44 -1.71 -20.51
N GLN A 481 -11.51 -1.70 -21.46
CA GLN A 481 -11.51 -2.69 -22.52
C GLN A 481 -11.34 -4.09 -21.94
N GLU A 482 -11.94 -5.08 -22.58
CA GLU A 482 -11.77 -6.46 -22.11
C GLU A 482 -10.33 -6.96 -22.25
N HIS A 483 -9.68 -6.57 -23.35
CA HIS A 483 -8.29 -6.95 -23.63
C HIS A 483 -7.51 -5.75 -24.08
N THR A 484 -6.21 -5.76 -23.76
CA THR A 484 -5.29 -4.74 -24.28
C THR A 484 -5.28 -4.73 -25.81
N ASP A 485 -5.10 -3.54 -26.36
CA ASP A 485 -4.87 -3.36 -27.76
C ASP A 485 -3.40 -3.42 -28.13
N LEU A 486 -2.51 -3.64 -27.16
CA LEU A 486 -1.07 -3.73 -27.44
C LEU A 486 -0.45 -4.90 -26.69
N PRO A 487 -0.92 -6.12 -27.01
CA PRO A 487 -0.49 -7.27 -26.24
C PRO A 487 0.95 -7.65 -26.48
N VAL A 488 1.46 -8.43 -25.55
CA VAL A 488 2.81 -8.93 -25.73
C VAL A 488 3.02 -9.74 -27.01
N GLY A 489 2.03 -10.52 -27.44
CA GLY A 489 2.14 -11.42 -28.59
C GLY A 489 3.12 -12.54 -28.28
#